data_7JJT
#
_entry.id   7JJT
#
_cell.length_a   98.460
_cell.length_b   98.460
_cell.length_c   196.220
_cell.angle_alpha   90.000
_cell.angle_beta   90.000
_cell.angle_gamma   90.000
#
_symmetry.space_group_name_H-M   'P 41 21 2'
#
loop_
_entity.id
_entity.type
_entity.pdbx_description
1 polymer Alpha-amylase
2 non-polymer 1,2-ETHANEDIOL
3 non-polymer 'FORMIC ACID'
4 non-polymer 'ACETATE ION'
5 non-polymer 'CALCIUM ION'
6 water water
#
_entity_poly.entity_id   1
_entity_poly.type   'polypeptide(L)'
_entity_poly.pdbx_seq_one_letter_code
;SKSDSSDGNTAKVADPIEGVKATASTDKYRNYYEIFVNSFCDSNGDETGDLQGIISQLDYLNDGDPNSGDDLGVDAIWLT
PIMPSKSYHKYDVEDYYNIDPDFGTLDDFDKLIEECHKRGINVILDLVLNHASSKNPLFTKAVEEVADNKLDGNAEYFEI
HKASYFDSNTQTISLGNGYACEANFSQEMPEWNLNSKKTREEFTKIAKFWLDRGVDGFRLDACKYFTNKETDGTEFLKWF
YDTCKGIKEDVYMVGENWTDDSDIQELYKSGIDSQFAFKFSTSTGTIISNIISQGGMATAKKIMNYDNKMAESNPNAINA
MFLSNHDQVRSGNALESQGLSSQKLAAAVYMLAPGNPFIYYGEEIGIKAPNTTNDAAYRTQMVFDSENLPDIYVNGIGDE
PDVPTGGGVKQQLADKDSLLNYYRRIITIKNQNPEIARGRIVGTQGFDDKTVGAYYVEYEDSKLLIIHNFSKNDAKELTI
TDDMIKNATLRADLIPESSSKHTELKDGKISVPPQSTVIIKSAE
;
_entity_poly.pdbx_strand_id   A
#
# COMPACT_ATOMS: atom_id res chain seq x y z
N LYS A 12 8.25 -26.27 27.32
CA LYS A 12 7.97 -25.36 26.21
C LYS A 12 6.89 -24.36 26.59
N VAL A 13 7.08 -23.10 26.19
CA VAL A 13 6.12 -22.05 26.53
C VAL A 13 5.00 -22.05 25.49
N ALA A 14 3.77 -21.97 25.98
CA ALA A 14 2.61 -22.02 25.10
C ALA A 14 2.56 -20.79 24.22
N ASP A 15 2.07 -20.97 23.02
CA ASP A 15 1.80 -19.85 22.10
C ASP A 15 0.61 -19.03 22.59
N PRO A 16 0.79 -17.73 22.91
CA PRO A 16 -0.33 -16.98 23.51
C PRO A 16 -1.53 -16.77 22.59
N ILE A 17 -1.40 -16.92 21.26
CA ILE A 17 -2.53 -16.64 20.39
C ILE A 17 -3.35 -17.90 20.10
N GLU A 18 -2.97 -19.06 20.65
CA GLU A 18 -3.80 -20.26 20.58
C GLU A 18 -5.16 -20.06 21.26
N GLY A 19 -6.22 -20.51 20.59
CA GLY A 19 -7.55 -20.36 21.19
C GLY A 19 -7.99 -18.93 21.39
N VAL A 20 -7.55 -18.03 20.52
CA VAL A 20 -8.09 -16.69 20.41
C VAL A 20 -8.76 -16.61 19.05
N LYS A 21 -10.04 -16.27 19.02
CA LYS A 21 -10.80 -16.30 17.78
C LYS A 21 -10.42 -15.10 16.94
N ALA A 22 -10.26 -15.33 15.63
CA ALA A 22 -10.00 -14.25 14.68
C ALA A 22 -11.29 -13.84 13.96
N THR A 23 -11.37 -12.57 13.56
CA THR A 23 -12.56 -12.06 12.88
C THR A 23 -12.13 -11.35 11.60
N ALA A 24 -12.84 -11.59 10.51
CA ALA A 24 -12.57 -10.88 9.25
C ALA A 24 -13.11 -9.46 9.29
N SER A 25 -12.36 -8.55 8.69
CA SER A 25 -12.82 -7.17 8.62
C SER A 25 -14.05 -7.05 7.74
N THR A 26 -14.95 -6.16 8.14
CA THR A 26 -16.09 -5.74 7.33
C THR A 26 -16.14 -4.24 7.16
N ASP A 27 -15.06 -3.52 7.46
CA ASP A 27 -15.08 -2.07 7.35
C ASP A 27 -13.88 -1.63 6.50
N LYS A 28 -13.50 -0.35 6.62
CA LYS A 28 -12.46 0.21 5.76
C LYS A 28 -11.05 -0.25 6.17
N TYR A 29 -10.89 -0.87 7.33
CA TYR A 29 -9.57 -1.21 7.85
C TYR A 29 -9.16 -2.60 7.35
N ARG A 30 -8.01 -2.64 6.70
CA ARG A 30 -7.62 -3.75 5.84
C ARG A 30 -6.10 -3.87 5.85
N ASN A 31 -5.63 -5.07 5.58
CA ASN A 31 -4.25 -5.33 5.20
C ASN A 31 -4.25 -5.46 3.68
N TYR A 32 -3.76 -4.40 3.02
CA TYR A 32 -3.79 -4.29 1.57
C TYR A 32 -2.63 -5.03 0.91
N TYR A 33 -2.87 -5.43 -0.33
CA TYR A 33 -1.90 -6.13 -1.16
C TYR A 33 -1.86 -5.44 -2.51
N GLU A 34 -0.72 -4.83 -2.84
CA GLU A 34 -0.55 -4.16 -4.13
C GLU A 34 -0.10 -5.15 -5.20
N ILE A 35 -0.88 -5.28 -6.28
CA ILE A 35 -0.55 -6.18 -7.38
C ILE A 35 -0.17 -5.37 -8.64
N PHE A 36 1.08 -5.47 -9.07
CA PHE A 36 1.50 -4.94 -10.38
C PHE A 36 1.06 -5.98 -11.42
N VAL A 37 -0.03 -5.68 -12.14
CA VAL A 37 -0.81 -6.73 -12.79
C VAL A 37 0.03 -7.52 -13.81
N ASN A 38 0.82 -6.84 -14.63
CA ASN A 38 1.57 -7.53 -15.68
C ASN A 38 2.54 -8.56 -15.14
N SER A 39 2.98 -8.42 -13.89
CA SER A 39 4.03 -9.27 -13.35
C SER A 39 3.52 -10.34 -12.40
N PHE A 40 2.22 -10.44 -12.16
CA PHE A 40 1.74 -11.32 -11.10
C PHE A 40 1.49 -12.76 -11.58
N CYS A 41 0.47 -12.98 -12.41
CA CYS A 41 0.14 -14.36 -12.78
C CYS A 41 -0.44 -14.44 -14.19
N ASP A 42 0.27 -15.14 -15.09
CA ASP A 42 -0.14 -15.38 -16.48
C ASP A 42 -0.99 -16.63 -16.55
N SER A 43 -2.22 -16.50 -17.06
CA SER A 43 -3.14 -17.61 -17.17
C SER A 43 -3.27 -18.18 -18.59
N ASN A 44 -2.62 -17.59 -19.61
CA ASN A 44 -2.84 -18.04 -20.98
C ASN A 44 -1.58 -18.07 -21.84
N GLY A 45 -0.40 -18.07 -21.23
CA GLY A 45 0.83 -18.43 -21.92
C GLY A 45 1.50 -17.37 -22.76
N ASP A 46 1.03 -16.13 -22.72
CA ASP A 46 1.64 -15.09 -23.54
C ASP A 46 2.76 -14.34 -22.82
N GLU A 47 3.11 -14.74 -21.60
CA GLU A 47 4.18 -14.11 -20.83
C GLU A 47 3.78 -12.74 -20.29
N THR A 48 2.48 -12.55 -20.06
CA THR A 48 1.95 -11.34 -19.45
C THR A 48 0.92 -11.70 -18.41
N GLY A 49 1.05 -11.14 -17.21
CA GLY A 49 0.06 -11.37 -16.16
C GLY A 49 -1.28 -10.77 -16.50
N ASP A 50 -2.35 -11.36 -15.98
CA ASP A 50 -3.69 -10.99 -16.39
C ASP A 50 -4.68 -11.23 -15.25
N LEU A 51 -5.93 -10.79 -15.46
CA LEU A 51 -6.92 -10.82 -14.39
C LEU A 51 -7.31 -12.26 -14.03
N GLN A 52 -7.44 -13.16 -15.01
CA GLN A 52 -7.76 -14.54 -14.67
C GLN A 52 -6.63 -15.18 -13.88
N GLY A 53 -5.37 -14.77 -14.15
CA GLY A 53 -4.28 -15.22 -13.31
C GLY A 53 -4.46 -14.80 -11.86
N ILE A 54 -4.86 -13.53 -11.64
CA ILE A 54 -5.16 -13.09 -10.28
C ILE A 54 -6.27 -13.96 -9.68
N ILE A 55 -7.34 -14.19 -10.44
CA ILE A 55 -8.46 -14.97 -9.94
C ILE A 55 -7.98 -16.35 -9.49
N SER A 56 -7.04 -16.93 -10.25
CA SER A 56 -6.57 -18.27 -9.96
C SER A 56 -5.81 -18.36 -8.65
N GLN A 57 -5.33 -17.23 -8.12
CA GLN A 57 -4.56 -17.19 -6.89
C GLN A 57 -5.33 -16.61 -5.71
N LEU A 58 -6.64 -16.37 -5.85
CA LEU A 58 -7.37 -15.71 -4.78
C LEU A 58 -7.41 -16.54 -3.50
N ASP A 59 -7.42 -17.87 -3.60
CA ASP A 59 -7.43 -18.64 -2.36
C ASP A 59 -6.11 -18.57 -1.60
N TYR A 60 -5.00 -18.28 -2.28
CA TYR A 60 -3.77 -17.94 -1.58
C TYR A 60 -3.91 -16.60 -0.87
N LEU A 61 -4.50 -15.61 -1.52
CA LEU A 61 -4.60 -14.28 -0.91
C LEU A 61 -5.55 -14.30 0.28
N ASN A 62 -6.73 -14.93 0.14
CA ASN A 62 -7.65 -15.05 1.26
C ASN A 62 -8.63 -16.18 0.96
N ASP A 63 -8.66 -17.19 1.83
CA ASP A 63 -9.58 -18.31 1.64
C ASP A 63 -10.95 -18.08 2.25
N GLY A 64 -11.22 -16.91 2.83
CA GLY A 64 -12.50 -16.58 3.40
C GLY A 64 -12.74 -17.05 4.82
N ASP A 65 -11.76 -17.71 5.45
CA ASP A 65 -11.91 -18.20 6.83
C ASP A 65 -10.72 -17.80 7.68
N PRO A 66 -10.87 -16.80 8.56
CA PRO A 66 -9.70 -16.34 9.33
C PRO A 66 -9.27 -17.27 10.43
N ASN A 67 -9.97 -18.38 10.62
CA ASN A 67 -9.62 -19.33 11.67
C ASN A 67 -9.14 -20.68 11.14
N SER A 68 -8.94 -20.82 9.84
CA SER A 68 -8.35 -22.06 9.33
C SER A 68 -7.72 -21.78 7.99
N GLY A 69 -6.89 -22.71 7.54
CA GLY A 69 -6.27 -22.61 6.23
C GLY A 69 -4.83 -22.16 6.30
N ASP A 70 -4.23 -22.03 5.12
CA ASP A 70 -2.84 -21.63 4.99
C ASP A 70 -2.71 -20.53 3.96
N ASP A 71 -3.66 -19.60 3.94
CA ASP A 71 -3.61 -18.45 3.05
C ASP A 71 -2.79 -17.32 3.67
N LEU A 72 -2.35 -16.39 2.81
CA LEU A 72 -1.74 -15.15 3.31
C LEU A 72 -2.71 -14.42 4.24
N GLY A 73 -3.93 -14.14 3.75
CA GLY A 73 -4.97 -13.54 4.55
C GLY A 73 -5.17 -12.05 4.33
N VAL A 74 -4.60 -11.48 3.27
CA VAL A 74 -4.85 -10.07 2.96
C VAL A 74 -6.34 -9.95 2.63
N ASP A 75 -6.93 -8.78 2.96
CA ASP A 75 -8.36 -8.60 2.77
C ASP A 75 -8.68 -7.36 1.92
N ALA A 76 -7.72 -6.87 1.18
CA ALA A 76 -7.98 -5.88 0.13
C ALA A 76 -6.83 -5.90 -0.86
N ILE A 77 -7.17 -5.63 -2.11
CA ILE A 77 -6.19 -5.58 -3.19
C ILE A 77 -6.26 -4.20 -3.83
N TRP A 78 -5.08 -3.66 -4.15
CA TRP A 78 -4.96 -2.48 -5.01
C TRP A 78 -4.34 -3.01 -6.31
N LEU A 79 -5.10 -2.93 -7.39
CA LEU A 79 -4.57 -3.22 -8.72
C LEU A 79 -3.94 -1.98 -9.31
N THR A 80 -2.72 -2.10 -9.85
CA THR A 80 -2.11 -1.06 -10.67
C THR A 80 -2.97 -0.91 -11.94
N PRO A 81 -2.71 0.08 -12.79
CA PRO A 81 -3.67 0.39 -13.86
C PRO A 81 -3.99 -0.82 -14.74
N ILE A 82 -5.30 -1.00 -15.04
CA ILE A 82 -5.78 -2.14 -15.82
C ILE A 82 -6.48 -1.73 -17.11
N MET A 83 -6.55 -0.44 -17.42
CA MET A 83 -7.29 0.03 -18.58
C MET A 83 -6.40 0.08 -19.81
N PRO A 84 -6.99 0.14 -21.01
CA PRO A 84 -6.19 0.05 -22.24
C PRO A 84 -5.08 1.08 -22.29
N SER A 85 -3.89 0.62 -22.65
CA SER A 85 -2.67 1.40 -22.71
C SER A 85 -1.60 0.63 -23.49
N LYS A 86 -0.80 1.35 -24.27
CA LYS A 86 0.25 0.70 -25.05
C LYS A 86 1.43 0.22 -24.22
N SER A 87 1.58 0.68 -22.96
CA SER A 87 2.74 0.33 -22.15
C SER A 87 2.44 -0.88 -21.25
N TYR A 88 3.50 -1.41 -20.63
CA TYR A 88 3.30 -2.55 -19.74
C TYR A 88 2.78 -2.14 -18.37
N HIS A 89 2.99 -0.88 -17.96
CA HIS A 89 2.55 -0.39 -16.66
C HIS A 89 1.19 0.28 -16.70
N LYS A 90 0.86 0.91 -17.84
CA LYS A 90 -0.48 1.41 -18.18
C LYS A 90 -0.89 2.65 -17.39
N TYR A 91 0.08 3.42 -16.88
CA TYR A 91 -0.22 4.72 -16.26
C TYR A 91 -0.60 5.77 -17.30
N ASP A 92 -0.31 5.51 -18.57
CA ASP A 92 -0.75 6.34 -19.71
C ASP A 92 -2.06 5.75 -20.24
N VAL A 93 -3.19 6.31 -19.80
CA VAL A 93 -4.49 5.68 -19.95
C VAL A 93 -5.15 6.10 -21.27
N GLU A 94 -5.38 5.12 -22.16
CA GLU A 94 -5.96 5.43 -23.47
C GLU A 94 -7.48 5.31 -23.51
N ASP A 95 -8.10 4.69 -22.52
CA ASP A 95 -9.55 4.45 -22.47
C ASP A 95 -9.94 4.19 -21.02
N TYR A 96 -10.69 5.10 -20.41
CA TYR A 96 -11.01 5.00 -18.99
C TYR A 96 -12.25 4.16 -18.72
N TYR A 97 -12.77 3.44 -19.73
CA TYR A 97 -14.03 2.74 -19.59
C TYR A 97 -13.94 1.27 -20.01
N ASN A 98 -12.75 0.67 -19.99
CA ASN A 98 -12.61 -0.73 -20.37
C ASN A 98 -11.36 -1.32 -19.74
N ILE A 99 -11.14 -2.61 -20.02
CA ILE A 99 -9.98 -3.34 -19.55
C ILE A 99 -9.01 -3.50 -20.72
N ASP A 100 -7.71 -3.37 -20.45
CA ASP A 100 -6.72 -3.65 -21.48
C ASP A 100 -6.90 -5.09 -21.96
N PRO A 101 -6.99 -5.33 -23.28
CA PRO A 101 -7.27 -6.71 -23.75
C PRO A 101 -6.25 -7.75 -23.29
N ASP A 102 -4.97 -7.38 -23.12
CA ASP A 102 -4.01 -8.35 -22.58
C ASP A 102 -4.33 -8.75 -21.14
N PHE A 103 -5.03 -7.92 -20.38
CA PHE A 103 -5.40 -8.29 -19.02
C PHE A 103 -6.74 -9.01 -18.94
N GLY A 104 -7.62 -8.81 -19.92
CA GLY A 104 -8.89 -9.48 -19.97
C GLY A 104 -9.97 -8.58 -20.53
N THR A 105 -11.21 -8.96 -20.28
CA THR A 105 -12.40 -8.22 -20.66
C THR A 105 -13.10 -7.69 -19.42
N LEU A 106 -14.13 -6.84 -19.63
CA LEU A 106 -14.93 -6.41 -18.49
C LEU A 106 -15.61 -7.60 -17.80
N ASP A 107 -15.91 -8.67 -18.55
CA ASP A 107 -16.45 -9.87 -17.90
C ASP A 107 -15.44 -10.50 -16.95
N ASP A 108 -14.17 -10.57 -17.38
CA ASP A 108 -13.12 -11.06 -16.48
C ASP A 108 -13.02 -10.16 -15.27
N PHE A 109 -13.14 -8.85 -15.46
CA PHE A 109 -13.09 -7.92 -14.34
C PHE A 109 -14.25 -8.15 -13.38
N ASP A 110 -15.47 -8.33 -13.92
CA ASP A 110 -16.62 -8.56 -13.06
C ASP A 110 -16.48 -9.86 -12.28
N LYS A 111 -15.88 -10.89 -12.88
CA LYS A 111 -15.68 -12.12 -12.13
C LYS A 111 -14.64 -11.93 -11.03
N LEU A 112 -13.61 -11.12 -11.28
CA LEU A 112 -12.64 -10.80 -10.24
C LEU A 112 -13.31 -10.13 -9.04
N ILE A 113 -14.13 -9.12 -9.29
CA ILE A 113 -14.84 -8.45 -8.19
C ILE A 113 -15.69 -9.45 -7.43
N GLU A 114 -16.44 -10.29 -8.15
CA GLU A 114 -17.32 -11.26 -7.54
C GLU A 114 -16.54 -12.21 -6.65
N GLU A 115 -15.43 -12.73 -7.15
CA GLU A 115 -14.67 -13.74 -6.42
C GLU A 115 -13.87 -13.13 -5.27
N CYS A 116 -13.42 -11.88 -5.41
CA CYS A 116 -12.81 -11.19 -4.26
C CYS A 116 -13.84 -10.97 -3.16
N HIS A 117 -15.00 -10.42 -3.49
CA HIS A 117 -15.99 -10.13 -2.47
C HIS A 117 -16.49 -11.41 -1.78
N LYS A 118 -16.51 -12.54 -2.49
CA LYS A 118 -16.91 -13.79 -1.87
C LYS A 118 -15.99 -14.17 -0.72
N ARG A 119 -14.71 -13.80 -0.83
CA ARG A 119 -13.69 -14.13 0.14
C ARG A 119 -13.44 -13.01 1.14
N GLY A 120 -14.22 -11.93 1.10
CA GLY A 120 -14.01 -10.82 2.01
C GLY A 120 -12.87 -9.89 1.61
N ILE A 121 -12.51 -9.89 0.32
CA ILE A 121 -11.43 -9.09 -0.22
C ILE A 121 -12.03 -7.89 -0.93
N ASN A 122 -11.71 -6.68 -0.48
CA ASN A 122 -12.09 -5.47 -1.18
C ASN A 122 -11.08 -5.14 -2.28
N VAL A 123 -11.52 -4.35 -3.27
CA VAL A 123 -10.73 -4.07 -4.46
C VAL A 123 -10.76 -2.58 -4.73
N ILE A 124 -9.60 -1.98 -4.86
CA ILE A 124 -9.51 -0.60 -5.34
C ILE A 124 -8.69 -0.55 -6.62
N LEU A 125 -9.05 0.40 -7.48
CA LEU A 125 -8.39 0.58 -8.76
C LEU A 125 -7.47 1.80 -8.75
N ASP A 126 -6.42 1.71 -9.55
CA ASP A 126 -5.48 2.82 -9.73
C ASP A 126 -6.15 3.83 -10.65
N LEU A 127 -6.46 5.01 -10.11
CA LEU A 127 -7.20 6.00 -10.90
C LEU A 127 -6.27 7.18 -11.17
N VAL A 128 -6.03 7.44 -12.46
CA VAL A 128 -5.03 8.36 -12.96
C VAL A 128 -5.73 9.62 -13.45
N LEU A 129 -5.85 10.59 -12.56
CA LEU A 129 -6.57 11.84 -12.83
C LEU A 129 -5.66 13.02 -13.13
N ASN A 130 -4.36 12.94 -12.85
CA ASN A 130 -3.50 14.07 -13.21
C ASN A 130 -3.26 14.17 -14.72
N HIS A 131 -3.25 13.04 -15.42
CA HIS A 131 -2.89 13.02 -16.83
C HIS A 131 -3.58 11.85 -17.52
N ALA A 132 -3.70 11.98 -18.84
CA ALA A 132 -4.20 10.94 -19.74
C ALA A 132 -3.11 10.52 -20.71
N SER A 133 -3.35 9.44 -21.45
CA SER A 133 -2.46 9.10 -22.56
C SER A 133 -2.55 10.14 -23.68
N SER A 134 -1.41 10.43 -24.32
CA SER A 134 -1.42 11.24 -25.54
C SER A 134 -2.16 10.56 -26.69
N LYS A 135 -2.48 9.28 -26.56
CA LYS A 135 -3.29 8.57 -27.54
C LYS A 135 -4.73 8.34 -27.09
N ASN A 136 -5.12 8.87 -25.94
CA ASN A 136 -6.53 8.88 -25.57
C ASN A 136 -7.27 9.70 -26.62
N PRO A 137 -8.38 9.20 -27.16
CA PRO A 137 -9.08 9.97 -28.23
C PRO A 137 -9.56 11.35 -27.80
N LEU A 138 -9.91 11.55 -26.52
CA LEU A 138 -10.26 12.89 -26.07
C LEU A 138 -9.12 13.86 -26.29
N PHE A 139 -7.88 13.38 -26.09
CA PHE A 139 -6.72 14.25 -26.28
C PHE A 139 -6.37 14.43 -27.75
N THR A 140 -6.39 13.33 -28.53
CA THR A 140 -6.03 13.49 -29.94
C THR A 140 -7.00 14.43 -30.64
N LYS A 141 -8.28 14.42 -30.26
CA LYS A 141 -9.22 15.40 -30.79
C LYS A 141 -8.82 16.82 -30.41
N ALA A 142 -8.41 17.04 -29.15
CA ALA A 142 -7.95 18.36 -28.74
C ALA A 142 -6.74 18.80 -29.56
N VAL A 143 -5.80 17.89 -29.82
CA VAL A 143 -4.62 18.25 -30.61
C VAL A 143 -5.05 18.74 -31.98
N GLU A 144 -5.99 18.02 -32.59
CA GLU A 144 -6.48 18.38 -33.91
C GLU A 144 -7.20 19.73 -33.90
N GLU A 145 -8.05 19.97 -32.90
CA GLU A 145 -8.75 21.25 -32.82
C GLU A 145 -7.77 22.40 -32.59
N VAL A 146 -6.81 22.22 -31.70
CA VAL A 146 -5.84 23.28 -31.43
C VAL A 146 -5.04 23.59 -32.68
N ALA A 147 -4.74 22.58 -33.49
CA ALA A 147 -3.99 22.83 -34.72
C ALA A 147 -4.81 23.67 -35.70
N ASP A 148 -6.14 23.61 -35.61
CA ASP A 148 -7.03 24.49 -36.34
C ASP A 148 -7.38 25.76 -35.57
N ASN A 149 -6.67 26.04 -34.49
CA ASN A 149 -6.91 27.20 -33.65
C ASN A 149 -8.30 27.20 -33.01
N LYS A 150 -8.84 26.01 -32.72
CA LYS A 150 -10.10 25.89 -31.98
C LYS A 150 -9.77 25.47 -30.54
N LEU A 151 -10.04 26.36 -29.59
CA LEU A 151 -9.66 26.16 -28.18
C LEU A 151 -10.84 25.94 -27.24
N ASP A 152 -12.07 26.03 -27.73
CA ASP A 152 -13.25 25.91 -26.90
C ASP A 152 -13.92 24.56 -27.03
N GLY A 153 -13.22 23.58 -27.60
CA GLY A 153 -13.73 22.22 -27.71
C GLY A 153 -13.04 21.32 -26.71
N ASN A 154 -12.43 20.23 -27.20
CA ASN A 154 -11.77 19.28 -26.31
C ASN A 154 -10.55 19.87 -25.62
N ALA A 155 -10.01 21.00 -26.11
CA ALA A 155 -8.87 21.60 -25.44
C ALA A 155 -9.21 21.97 -24.00
N GLU A 156 -10.50 22.19 -23.72
CA GLU A 156 -10.94 22.62 -22.40
C GLU A 156 -10.85 21.50 -21.35
N TYR A 157 -10.59 20.25 -21.78
CA TYR A 157 -10.31 19.16 -20.82
C TYR A 157 -8.90 19.24 -20.25
N PHE A 158 -7.96 19.83 -20.98
CA PHE A 158 -6.55 19.66 -20.73
C PHE A 158 -5.86 20.95 -20.38
N GLU A 159 -4.66 20.81 -19.83
CA GLU A 159 -3.88 21.94 -19.30
C GLU A 159 -3.12 22.63 -20.43
N ILE A 160 -3.92 23.19 -21.35
CA ILE A 160 -3.42 23.77 -22.60
C ILE A 160 -3.41 25.29 -22.44
N HIS A 161 -2.25 25.89 -22.67
CA HIS A 161 -2.09 27.35 -22.59
C HIS A 161 -1.09 27.78 -23.65
N LYS A 162 -0.99 29.08 -23.89
CA LYS A 162 0.11 29.56 -24.69
C LYS A 162 1.44 29.20 -24.03
N ALA A 163 2.46 28.95 -24.86
CA ALA A 163 3.74 28.48 -24.37
C ALA A 163 4.31 29.40 -23.30
N SER A 164 4.08 30.72 -23.40
CA SER A 164 4.62 31.65 -22.44
C SER A 164 4.11 31.39 -21.02
N TYR A 165 2.95 30.76 -20.90
CA TYR A 165 2.34 30.44 -19.61
C TYR A 165 3.24 29.54 -18.77
N PHE A 166 4.06 28.71 -19.39
CA PHE A 166 4.79 27.68 -18.67
C PHE A 166 6.21 28.13 -18.35
N ASP A 167 6.69 27.67 -17.20
CA ASP A 167 8.01 27.99 -16.68
C ASP A 167 9.06 27.12 -17.36
N SER A 168 10.28 27.66 -17.44
CA SER A 168 11.37 26.99 -18.16
C SER A 168 11.54 25.54 -17.72
N ASN A 169 11.17 25.21 -16.49
CA ASN A 169 11.44 23.89 -15.94
C ASN A 169 10.25 22.94 -16.02
N THR A 170 9.11 23.39 -16.54
CA THR A 170 7.92 22.53 -16.66
C THR A 170 7.89 21.89 -18.04
N GLN A 171 7.95 20.56 -18.08
CA GLN A 171 7.86 19.85 -19.35
C GLN A 171 6.48 20.04 -19.94
N THR A 172 6.42 20.25 -21.26
CA THR A 172 5.18 20.44 -21.98
C THR A 172 5.19 19.66 -23.28
N ILE A 173 4.00 19.47 -23.83
CA ILE A 173 3.81 18.89 -25.16
C ILE A 173 3.46 20.04 -26.10
N SER A 174 4.30 20.27 -27.11
CA SER A 174 4.06 21.37 -28.04
CA SER A 174 4.06 21.37 -28.04
C SER A 174 2.88 21.05 -28.96
N LEU A 175 2.00 22.04 -29.13
CA LEU A 175 0.82 21.93 -29.96
C LEU A 175 0.88 23.04 -31.03
N GLY A 176 -0.17 23.14 -31.80
CA GLY A 176 -0.22 24.16 -32.83
C GLY A 176 -0.58 25.54 -32.29
N ASN A 177 -0.42 26.54 -33.17
CA ASN A 177 -0.83 27.91 -32.88
C ASN A 177 -0.22 28.45 -31.59
N GLY A 178 1.03 28.06 -31.32
CA GLY A 178 1.74 28.58 -30.18
C GLY A 178 1.32 28.03 -28.83
N TYR A 179 0.48 27.01 -28.82
CA TYR A 179 -0.02 26.43 -27.57
C TYR A 179 0.84 25.25 -27.14
N ALA A 180 0.62 24.81 -25.89
CA ALA A 180 1.27 23.60 -25.40
C ALA A 180 0.44 23.07 -24.23
N CYS A 181 0.72 21.83 -23.85
CA CYS A 181 0.00 21.18 -22.75
C CYS A 181 0.98 20.79 -21.68
N GLU A 182 0.64 21.06 -20.41
CA GLU A 182 1.50 20.63 -19.32
C GLU A 182 1.67 19.11 -19.37
N ALA A 183 2.89 18.63 -19.11
CA ALA A 183 3.20 17.21 -19.18
C ALA A 183 4.41 16.86 -18.32
N ASN A 184 4.22 16.89 -16.99
CA ASN A 184 5.36 16.73 -16.08
C ASN A 184 6.02 15.35 -16.21
N PHE A 185 5.23 14.30 -16.41
CA PHE A 185 5.81 12.96 -16.35
C PHE A 185 6.44 12.52 -17.66
N SER A 186 5.85 12.89 -18.80
CA SER A 186 6.25 12.31 -20.07
C SER A 186 5.53 13.02 -21.22
N GLN A 187 6.15 12.96 -22.42
CA GLN A 187 5.44 13.45 -23.61
C GLN A 187 4.19 12.63 -23.92
N GLU A 188 4.06 11.44 -23.34
CA GLU A 188 2.88 10.62 -23.56
CA GLU A 188 2.90 10.59 -23.54
C GLU A 188 1.83 10.79 -22.46
N MET A 189 2.02 11.75 -21.56
CA MET A 189 1.12 11.96 -20.42
C MET A 189 0.68 13.43 -20.29
N PRO A 190 -0.11 13.92 -21.25
CA PRO A 190 -0.67 15.26 -21.12
C PRO A 190 -1.60 15.38 -19.93
N GLU A 191 -1.52 16.53 -19.24
CA GLU A 191 -2.27 16.73 -18.01
C GLU A 191 -3.66 17.29 -18.22
N TRP A 192 -4.59 16.76 -17.44
CA TRP A 192 -5.95 17.26 -17.36
C TRP A 192 -5.98 18.64 -16.69
N ASN A 193 -6.93 19.48 -17.12
CA ASN A 193 -7.22 20.73 -16.41
C ASN A 193 -8.24 20.42 -15.32
N LEU A 194 -7.78 20.35 -14.07
CA LEU A 194 -8.60 19.88 -12.95
C LEU A 194 -9.63 20.92 -12.49
N ASN A 195 -9.56 22.15 -13.01
CA ASN A 195 -10.58 23.15 -12.73
C ASN A 195 -11.69 23.19 -13.77
N SER A 196 -11.53 22.51 -14.91
CA SER A 196 -12.51 22.55 -15.99
C SER A 196 -13.81 21.86 -15.62
N LYS A 197 -14.92 22.52 -15.92
CA LYS A 197 -16.24 21.93 -15.71
C LYS A 197 -16.41 20.67 -16.55
N LYS A 198 -15.93 20.69 -17.80
CA LYS A 198 -16.01 19.51 -18.64
C LYS A 198 -15.23 18.36 -18.03
N THR A 199 -14.01 18.65 -17.57
CA THR A 199 -13.19 17.60 -16.94
C THR A 199 -13.86 17.03 -15.71
N ARG A 200 -14.47 17.88 -14.87
CA ARG A 200 -15.10 17.36 -13.66
C ARG A 200 -16.34 16.54 -13.98
N GLU A 201 -17.09 16.91 -15.03
CA GLU A 201 -18.17 16.06 -15.48
C GLU A 201 -17.65 14.71 -15.97
N GLU A 202 -16.52 14.72 -16.68
CA GLU A 202 -15.96 13.47 -17.22
C GLU A 202 -15.48 12.57 -16.09
N PHE A 203 -14.80 13.14 -15.09
CA PHE A 203 -14.30 12.37 -13.94
C PHE A 203 -15.45 11.78 -13.14
N THR A 204 -16.58 12.50 -13.05
CA THR A 204 -17.76 11.93 -12.42
C THR A 204 -18.26 10.71 -13.18
N LYS A 205 -18.28 10.79 -14.52
CA LYS A 205 -18.72 9.65 -15.33
C LYS A 205 -17.78 8.46 -15.18
N ILE A 206 -16.47 8.71 -15.15
CA ILE A 206 -15.51 7.61 -14.96
C ILE A 206 -15.72 6.96 -13.60
N ALA A 207 -15.82 7.77 -12.54
CA ALA A 207 -15.95 7.19 -11.22
C ALA A 207 -17.22 6.39 -11.11
N LYS A 208 -18.32 6.93 -11.62
CA LYS A 208 -19.59 6.20 -11.55
C LYS A 208 -19.51 4.89 -12.33
N PHE A 209 -18.82 4.90 -13.47
CA PHE A 209 -18.73 3.68 -14.26
C PHE A 209 -18.11 2.56 -13.44
N TRP A 210 -17.02 2.85 -12.74
CA TRP A 210 -16.34 1.77 -12.01
C TRP A 210 -17.03 1.48 -10.68
N LEU A 211 -17.53 2.50 -9.99
CA LEU A 211 -18.24 2.23 -8.75
C LEU A 211 -19.49 1.39 -9.01
N ASP A 212 -20.15 1.60 -10.15
CA ASP A 212 -21.30 0.78 -10.51
C ASP A 212 -20.94 -0.68 -10.72
N ARG A 213 -19.66 -1.00 -10.89
CA ARG A 213 -19.23 -2.38 -11.04
C ARG A 213 -18.77 -3.01 -9.72
N GLY A 214 -19.05 -2.36 -8.59
CA GLY A 214 -18.73 -2.94 -7.28
C GLY A 214 -17.36 -2.60 -6.74
N VAL A 215 -16.62 -1.73 -7.41
CA VAL A 215 -15.32 -1.29 -6.92
C VAL A 215 -15.47 -0.62 -5.56
N ASP A 216 -14.54 -0.94 -4.65
CA ASP A 216 -14.64 -0.42 -3.29
C ASP A 216 -13.97 0.94 -3.11
N GLY A 217 -13.20 1.38 -4.08
CA GLY A 217 -12.56 2.69 -3.97
C GLY A 217 -11.41 2.78 -4.94
N PHE A 218 -10.54 3.77 -4.68
CA PHE A 218 -9.46 4.08 -5.60
C PHE A 218 -8.15 4.37 -4.88
N ARG A 219 -7.06 4.03 -5.56
CA ARG A 219 -5.74 4.58 -5.29
C ARG A 219 -5.52 5.73 -6.27
N LEU A 220 -5.30 6.95 -5.75
CA LEU A 220 -5.20 8.14 -6.60
C LEU A 220 -3.73 8.38 -6.95
N ASP A 221 -3.43 8.25 -8.23
CA ASP A 221 -2.09 8.49 -8.75
C ASP A 221 -1.70 9.97 -8.76
N ALA A 222 -0.43 10.23 -8.43
CA ALA A 222 0.23 11.51 -8.73
C ALA A 222 -0.50 12.71 -8.12
N CYS A 223 -0.94 12.57 -6.88
CA CYS A 223 -1.66 13.65 -6.22
C CYS A 223 -0.83 14.91 -6.07
N LYS A 224 0.50 14.78 -5.94
CA LYS A 224 1.37 15.95 -5.85
C LYS A 224 1.14 16.91 -7.01
N TYR A 225 0.87 16.38 -8.19
CA TYR A 225 0.74 17.21 -9.37
C TYR A 225 -0.67 17.74 -9.58
N PHE A 226 -1.59 17.49 -8.65
CA PHE A 226 -2.89 18.13 -8.70
C PHE A 226 -2.75 19.63 -8.48
N THR A 227 -1.89 20.02 -7.55
CA THR A 227 -1.64 21.43 -7.26
C THR A 227 -0.72 22.07 -8.29
N ASN A 228 -1.11 23.23 -8.81
CA ASN A 228 -0.21 24.00 -9.66
C ASN A 228 -0.58 25.48 -9.49
N LYS A 229 -0.10 26.31 -10.41
CA LYS A 229 -0.27 27.75 -10.23
C LYS A 229 -1.73 28.17 -10.08
N GLU A 230 -2.64 27.54 -10.81
CA GLU A 230 -4.05 27.89 -10.76
C GLU A 230 -4.93 26.88 -10.06
N THR A 231 -4.39 25.76 -9.57
CA THR A 231 -5.19 24.67 -9.01
C THR A 231 -4.78 24.41 -7.57
N ASP A 232 -5.78 24.38 -6.69
CA ASP A 232 -5.59 23.95 -5.30
C ASP A 232 -5.92 22.46 -5.25
N GLY A 233 -4.88 21.61 -5.15
CA GLY A 233 -5.12 20.17 -5.17
C GLY A 233 -6.07 19.70 -4.09
N THR A 234 -6.06 20.35 -2.93
CA THR A 234 -6.97 19.99 -1.86
C THR A 234 -8.41 20.28 -2.24
N GLU A 235 -8.65 21.43 -2.91
CA GLU A 235 -9.99 21.71 -3.38
C GLU A 235 -10.46 20.70 -4.42
N PHE A 236 -9.59 20.35 -5.37
CA PHE A 236 -9.98 19.38 -6.38
C PHE A 236 -10.30 18.03 -5.74
N LEU A 237 -9.45 17.59 -4.83
CA LEU A 237 -9.63 16.27 -4.25
C LEU A 237 -10.86 16.22 -3.35
N LYS A 238 -11.13 17.30 -2.60
CA LYS A 238 -12.36 17.36 -1.82
CA LYS A 238 -12.36 17.36 -1.82
C LYS A 238 -13.57 17.27 -2.74
N TRP A 239 -13.55 18.01 -3.86
CA TRP A 239 -14.63 17.91 -4.82
C TRP A 239 -14.82 16.46 -5.28
N PHE A 240 -13.72 15.81 -5.69
CA PHE A 240 -13.82 14.47 -6.25
C PHE A 240 -14.24 13.46 -5.18
N TYR A 241 -13.66 13.56 -3.98
CA TYR A 241 -14.00 12.62 -2.91
C TYR A 241 -15.46 12.76 -2.51
N ASP A 242 -15.93 14.00 -2.36
CA ASP A 242 -17.33 14.22 -1.99
C ASP A 242 -18.26 13.73 -3.10
N THR A 243 -17.89 13.94 -4.36
CA THR A 243 -18.68 13.42 -5.47
C THR A 243 -18.80 11.91 -5.40
N CYS A 244 -17.70 11.23 -5.12
CA CYS A 244 -17.75 9.77 -5.10
C CYS A 244 -18.51 9.27 -3.87
N LYS A 245 -18.43 10.01 -2.77
CA LYS A 245 -19.17 9.61 -1.58
C LYS A 245 -20.68 9.75 -1.78
N GLY A 246 -21.11 10.70 -2.61
CA GLY A 246 -22.51 10.75 -2.99
C GLY A 246 -22.97 9.51 -3.74
N ILE A 247 -22.08 8.94 -4.56
CA ILE A 247 -22.38 7.69 -5.25
C ILE A 247 -22.32 6.52 -4.28
N LYS A 248 -21.34 6.48 -3.39
CA LYS A 248 -21.10 5.32 -2.52
C LYS A 248 -20.59 5.84 -1.18
N GLU A 249 -21.44 5.82 -0.16
CA GLU A 249 -21.15 6.54 1.08
C GLU A 249 -19.89 6.03 1.75
N ASP A 250 -19.62 4.74 1.64
CA ASP A 250 -18.46 4.14 2.29
C ASP A 250 -17.29 3.96 1.32
N VAL A 251 -17.19 4.78 0.29
CA VAL A 251 -16.06 4.73 -0.62
C VAL A 251 -14.75 4.98 0.14
N TYR A 252 -13.71 4.25 -0.24
CA TYR A 252 -12.37 4.39 0.36
C TYR A 252 -11.37 4.86 -0.68
N MET A 253 -10.56 5.84 -0.34
CA MET A 253 -9.46 6.21 -1.23
C MET A 253 -8.15 6.38 -0.48
N VAL A 254 -7.07 6.00 -1.17
CA VAL A 254 -5.71 6.26 -0.71
C VAL A 254 -4.99 7.05 -1.78
N GLY A 255 -4.36 8.15 -1.37
CA GLY A 255 -3.64 9.02 -2.28
C GLY A 255 -2.14 8.79 -2.25
N GLU A 256 -1.57 8.71 -3.46
CA GLU A 256 -0.12 8.75 -3.64
C GLU A 256 0.29 10.21 -3.73
N ASN A 257 0.70 10.78 -2.60
CA ASN A 257 1.10 12.20 -2.52
C ASN A 257 2.57 12.21 -2.10
N TRP A 258 3.47 12.13 -3.09
CA TRP A 258 4.88 11.85 -2.82
C TRP A 258 5.59 13.17 -2.53
N THR A 259 5.45 13.62 -1.29
CA THR A 259 5.85 14.98 -0.91
C THR A 259 6.14 15.04 0.58
N ASP A 260 6.40 16.26 1.10
CA ASP A 260 6.79 16.45 2.50
C ASP A 260 5.57 16.35 3.42
N ASP A 261 5.85 16.22 4.73
CA ASP A 261 4.77 15.96 5.68
C ASP A 261 3.75 17.09 5.71
N SER A 262 4.19 18.34 5.51
CA SER A 262 3.26 19.45 5.59
CA SER A 262 3.27 19.46 5.58
C SER A 262 2.24 19.40 4.46
N ASP A 263 2.69 19.04 3.25
CA ASP A 263 1.76 18.94 2.13
C ASP A 263 0.84 17.73 2.27
N ILE A 264 1.32 16.64 2.87
CA ILE A 264 0.41 15.51 3.13
C ILE A 264 -0.66 15.93 4.13
N GLN A 265 -0.25 16.61 5.21
CA GLN A 265 -1.22 17.07 6.20
C GLN A 265 -2.24 18.01 5.57
N GLU A 266 -1.78 18.90 4.70
CA GLU A 266 -2.71 19.82 4.01
C GLU A 266 -3.71 19.07 3.14
N LEU A 267 -3.25 18.08 2.35
CA LEU A 267 -4.18 17.37 1.46
C LEU A 267 -5.19 16.56 2.23
N TYR A 268 -4.88 16.18 3.47
CA TYR A 268 -5.85 15.45 4.27
C TYR A 268 -7.10 16.28 4.59
N LYS A 269 -7.03 17.62 4.46
CA LYS A 269 -8.24 18.41 4.65
C LYS A 269 -9.31 18.11 3.60
N SER A 270 -8.94 17.44 2.50
CA SER A 270 -9.90 17.00 1.52
C SER A 270 -10.92 16.00 2.06
N GLY A 271 -10.57 15.27 3.13
CA GLY A 271 -11.40 14.19 3.60
C GLY A 271 -10.99 12.83 3.11
N ILE A 272 -9.96 12.74 2.27
CA ILE A 272 -9.50 11.44 1.77
C ILE A 272 -9.11 10.58 2.95
N ASP A 273 -9.45 9.28 2.88
CA ASP A 273 -9.19 8.38 4.01
C ASP A 273 -7.71 8.28 4.31
N SER A 274 -6.87 8.12 3.28
CA SER A 274 -5.49 7.74 3.46
C SER A 274 -4.57 8.42 2.47
N GLN A 275 -3.33 8.60 2.89
CA GLN A 275 -2.21 8.88 2.00
C GLN A 275 -1.04 7.99 2.38
N PHE A 276 -0.28 7.53 1.39
CA PHE A 276 0.88 6.68 1.67
C PHE A 276 1.91 7.41 2.51
N ALA A 277 2.45 6.71 3.51
CA ALA A 277 3.40 7.32 4.45
C ALA A 277 4.83 7.14 3.95
N PHE A 278 5.19 7.92 2.92
CA PHE A 278 6.49 7.78 2.28
C PHE A 278 7.64 7.91 3.27
N LYS A 279 7.47 8.74 4.30
CA LYS A 279 8.50 9.00 5.28
C LYS A 279 9.03 7.72 5.92
N PHE A 280 8.16 6.73 6.11
CA PHE A 280 8.56 5.51 6.79
C PHE A 280 9.01 4.41 5.84
N SER A 281 9.05 4.67 4.53
CA SER A 281 9.39 3.66 3.52
C SER A 281 10.83 3.74 3.06
N THR A 282 11.31 2.62 2.51
CA THR A 282 12.59 2.42 1.84
C THR A 282 13.78 2.39 2.81
N SER A 283 14.95 2.08 2.25
CA SER A 283 16.18 1.98 3.03
C SER A 283 16.55 3.30 3.70
N THR A 284 16.10 4.42 3.15
CA THR A 284 16.39 5.74 3.71
C THR A 284 15.30 6.22 4.66
N GLY A 285 14.21 5.47 4.81
CA GLY A 285 13.10 5.86 5.64
C GLY A 285 13.23 5.39 7.08
N THR A 286 12.23 5.80 7.89
CA THR A 286 12.34 5.65 9.33
C THR A 286 12.44 4.20 9.76
N ILE A 287 11.62 3.31 9.18
CA ILE A 287 11.54 1.97 9.74
C ILE A 287 12.82 1.19 9.45
N ILE A 288 13.23 1.10 8.19
CA ILE A 288 14.41 0.30 7.87
C ILE A 288 15.66 0.93 8.48
N SER A 289 15.77 2.25 8.46
CA SER A 289 16.93 2.92 9.06
CA SER A 289 16.93 2.90 9.05
C SER A 289 17.03 2.57 10.55
N ASN A 290 15.91 2.60 11.26
CA ASN A 290 15.96 2.38 12.70
C ASN A 290 16.03 0.91 13.08
N ILE A 291 15.63 0.01 12.19
CA ILE A 291 15.92 -1.40 12.45
C ILE A 291 17.44 -1.63 12.39
N ILE A 292 18.11 -0.96 11.45
CA ILE A 292 19.56 -1.10 11.32
C ILE A 292 20.27 -0.47 12.51
N SER A 293 19.80 0.68 12.98
CA SER A 293 20.41 1.37 14.12
C SER A 293 19.96 0.83 15.47
N GLN A 294 19.06 -0.15 15.50
CA GLN A 294 18.47 -0.65 16.75
C GLN A 294 17.79 0.48 17.52
N GLY A 295 17.13 1.39 16.80
CA GLY A 295 16.49 2.54 17.39
C GLY A 295 15.00 2.36 17.62
N GLY A 296 14.65 1.52 18.60
CA GLY A 296 13.25 1.21 18.86
C GLY A 296 12.47 2.40 19.42
N MET A 297 13.02 3.06 20.45
CA MET A 297 12.34 4.17 21.10
C MET A 297 12.04 5.27 20.10
N ALA A 298 13.02 5.60 19.25
CA ALA A 298 12.84 6.64 18.25
C ALA A 298 11.70 6.30 17.29
N THR A 299 11.59 5.03 16.92
CA THR A 299 10.55 4.60 15.98
C THR A 299 9.16 4.77 16.60
N ALA A 300 8.98 4.31 17.85
CA ALA A 300 7.69 4.44 18.49
C ALA A 300 7.27 5.90 18.59
N LYS A 301 8.23 6.79 18.91
CA LYS A 301 7.92 8.21 18.99
C LYS A 301 7.46 8.75 17.64
N LYS A 302 8.15 8.36 16.57
CA LYS A 302 7.86 8.92 15.26
C LYS A 302 6.52 8.41 14.73
N ILE A 303 6.20 7.13 14.98
CA ILE A 303 4.93 6.61 14.55
C ILE A 303 3.79 7.33 15.25
N MET A 304 3.90 7.51 16.57
CA MET A 304 2.86 8.22 17.31
C MET A 304 2.68 9.64 16.79
N ASN A 305 3.79 10.37 16.68
CA ASN A 305 3.71 11.78 16.31
CA ASN A 305 3.67 11.78 16.33
C ASN A 305 3.13 11.96 14.91
N TYR A 306 3.56 11.11 13.97
CA TYR A 306 3.04 11.21 12.59
C TYR A 306 1.57 10.84 12.51
N ASP A 307 1.16 9.70 13.09
CA ASP A 307 -0.23 9.30 12.97
C ASP A 307 -1.16 10.36 13.57
N ASN A 308 -0.78 10.92 14.73
CA ASN A 308 -1.62 11.90 15.40
C ASN A 308 -1.62 13.24 14.66
N LYS A 309 -0.47 13.66 14.12
CA LYS A 309 -0.43 14.92 13.37
C LYS A 309 -1.34 14.88 12.15
N MET A 310 -1.33 13.76 11.42
CA MET A 310 -2.21 13.66 10.26
C MET A 310 -3.67 13.67 10.68
N ALA A 311 -3.99 13.06 11.82
CA ALA A 311 -5.35 13.02 12.31
C ALA A 311 -5.87 14.40 12.72
N GLU A 312 -4.97 15.36 12.93
CA GLU A 312 -5.42 16.74 13.17
C GLU A 312 -6.18 17.27 11.95
N SER A 313 -5.68 17.01 10.75
CA SER A 313 -6.28 17.52 9.54
C SER A 313 -7.46 16.69 9.07
N ASN A 314 -7.44 15.39 9.28
CA ASN A 314 -8.60 14.55 9.03
C ASN A 314 -8.74 13.64 10.24
N PRO A 315 -9.71 13.86 11.13
CA PRO A 315 -9.80 13.04 12.33
C PRO A 315 -10.12 11.60 12.03
N ASN A 316 -10.58 11.29 10.82
CA ASN A 316 -10.81 9.92 10.38
C ASN A 316 -9.68 9.37 9.51
N ALA A 317 -8.50 9.99 9.55
CA ALA A 317 -7.39 9.54 8.73
C ALA A 317 -7.07 8.08 9.05
N ILE A 318 -6.82 7.30 8.00
CA ILE A 318 -6.33 5.93 8.10
C ILE A 318 -4.94 5.94 7.48
N ASN A 319 -3.90 5.94 8.34
CA ASN A 319 -2.55 6.01 7.79
C ASN A 319 -2.27 4.78 6.92
N ALA A 320 -1.34 4.93 5.98
CA ALA A 320 -0.99 3.85 5.05
C ALA A 320 0.52 3.62 5.04
N MET A 321 0.99 2.80 5.98
CA MET A 321 2.40 2.43 6.08
C MET A 321 2.77 1.39 5.04
N PHE A 322 4.03 1.42 4.60
CA PHE A 322 4.58 0.47 3.64
C PHE A 322 6.10 0.53 3.66
N LEU A 323 6.74 -0.58 3.29
CA LEU A 323 8.20 -0.64 3.20
C LEU A 323 8.73 -0.24 1.83
N SER A 324 8.09 -0.69 0.74
CA SER A 324 8.45 -0.24 -0.60
C SER A 324 7.30 -0.57 -1.55
N ASN A 325 7.26 0.13 -2.68
CA ASN A 325 6.19 -0.05 -3.67
C ASN A 325 6.80 -0.22 -5.07
N HIS A 326 5.98 -0.14 -6.12
CA HIS A 326 6.44 -0.43 -7.47
C HIS A 326 7.35 0.65 -8.04
N ASP A 327 7.52 1.76 -7.33
CA ASP A 327 8.38 2.85 -7.76
C ASP A 327 9.71 2.88 -7.02
N GLN A 328 9.98 1.88 -6.18
CA GLN A 328 11.11 1.92 -5.27
C GLN A 328 11.83 0.57 -5.23
N VAL A 329 13.12 0.61 -4.92
CA VAL A 329 13.88 -0.63 -4.74
C VAL A 329 13.17 -1.51 -3.73
N ARG A 330 13.13 -2.81 -4.01
CA ARG A 330 12.52 -3.77 -3.09
C ARG A 330 13.16 -3.69 -1.71
N SER A 331 12.31 -3.70 -0.67
CA SER A 331 12.80 -3.56 0.70
C SER A 331 13.75 -4.69 1.09
N GLY A 332 13.58 -5.87 0.48
CA GLY A 332 14.46 -6.98 0.76
C GLY A 332 15.91 -6.74 0.38
N ASN A 333 16.16 -5.85 -0.59
CA ASN A 333 17.52 -5.51 -0.98
C ASN A 333 18.30 -4.86 0.15
N ALA A 334 17.60 -4.20 1.07
CA ALA A 334 18.24 -3.62 2.23
C ALA A 334 18.16 -4.52 3.45
N LEU A 335 17.04 -5.23 3.62
CA LEU A 335 16.80 -5.93 4.88
C LEU A 335 17.35 -7.34 4.90
N GLU A 336 17.34 -8.07 3.77
CA GLU A 336 17.78 -9.47 3.84
C GLU A 336 19.25 -9.57 4.27
N SER A 337 20.08 -8.64 3.81
CA SER A 337 21.49 -8.65 4.19
C SER A 337 21.66 -8.40 5.69
N GLN A 338 20.70 -7.75 6.34
CA GLN A 338 20.71 -7.56 7.78
C GLN A 338 20.28 -8.80 8.53
N GLY A 339 19.73 -9.80 7.85
CA GLY A 339 19.24 -10.99 8.51
C GLY A 339 17.74 -11.16 8.39
N LEU A 340 17.32 -12.42 8.29
CA LEU A 340 15.88 -12.68 8.12
C LEU A 340 15.08 -12.14 9.30
N SER A 341 15.65 -12.13 10.51
CA SER A 341 14.88 -11.61 11.64
C SER A 341 14.66 -10.10 11.53
N SER A 342 15.55 -9.39 10.85
CA SER A 342 15.34 -7.98 10.59
C SER A 342 14.18 -7.76 9.61
N GLN A 343 14.08 -8.63 8.59
CA GLN A 343 12.96 -8.56 7.65
C GLN A 343 11.65 -8.84 8.36
N LYS A 344 11.64 -9.81 9.26
CA LYS A 344 10.46 -10.12 10.05
C LYS A 344 10.08 -8.97 10.97
N LEU A 345 11.04 -8.40 11.70
CA LEU A 345 10.72 -7.27 12.55
C LEU A 345 10.16 -6.11 11.75
N ALA A 346 10.71 -5.88 10.55
CA ALA A 346 10.24 -4.75 9.74
C ALA A 346 8.76 -4.91 9.41
N ALA A 347 8.35 -6.15 9.08
CA ALA A 347 6.93 -6.44 8.83
C ALA A 347 6.08 -6.13 10.05
N ALA A 348 6.51 -6.58 11.23
CA ALA A 348 5.75 -6.34 12.43
C ALA A 348 5.64 -4.84 12.73
N VAL A 349 6.72 -4.10 12.53
CA VAL A 349 6.69 -2.68 12.88
C VAL A 349 5.72 -1.92 11.98
N TYR A 350 5.81 -2.10 10.66
CA TYR A 350 4.97 -1.29 9.80
C TYR A 350 3.53 -1.76 9.80
N MET A 351 3.30 -3.08 9.99
CA MET A 351 1.93 -3.58 9.94
C MET A 351 1.19 -3.44 11.26
N LEU A 352 1.88 -3.22 12.40
CA LEU A 352 1.21 -3.03 13.67
C LEU A 352 1.08 -1.55 14.06
N ALA A 353 1.52 -0.64 13.20
CA ALA A 353 1.14 0.76 13.31
C ALA A 353 -0.34 0.94 12.97
N PRO A 354 -0.97 2.02 13.44
CA PRO A 354 -2.39 2.23 13.11
C PRO A 354 -2.60 2.40 11.60
N GLY A 355 -3.80 2.08 11.16
CA GLY A 355 -4.17 2.30 9.78
C GLY A 355 -4.23 1.05 8.93
N ASN A 356 -3.91 1.23 7.65
CA ASN A 356 -3.94 0.19 6.61
C ASN A 356 -2.54 0.02 6.02
N PRO A 357 -1.78 -1.01 6.40
CA PRO A 357 -0.50 -1.24 5.72
C PRO A 357 -0.72 -1.85 4.35
N PHE A 358 0.22 -1.59 3.46
CA PHE A 358 0.21 -2.07 2.09
C PHE A 358 1.42 -2.97 1.87
N ILE A 359 1.14 -4.28 1.69
CA ILE A 359 2.14 -5.25 1.29
C ILE A 359 2.29 -5.22 -0.23
N TYR A 360 3.52 -5.07 -0.71
CA TYR A 360 3.80 -5.09 -2.14
C TYR A 360 3.96 -6.55 -2.55
N TYR A 361 3.24 -6.98 -3.60
CA TYR A 361 3.23 -8.40 -4.00
C TYR A 361 4.66 -8.93 -4.05
N GLY A 362 4.87 -10.11 -3.46
CA GLY A 362 6.19 -10.71 -3.44
C GLY A 362 7.04 -10.34 -2.24
N GLU A 363 6.73 -9.21 -1.59
CA GLU A 363 7.41 -8.85 -0.34
C GLU A 363 7.31 -9.97 0.69
N GLU A 364 6.17 -10.66 0.74
CA GLU A 364 5.94 -11.68 1.75
C GLU A 364 6.79 -12.94 1.54
N ILE A 365 7.46 -13.09 0.39
CA ILE A 365 8.40 -14.16 0.14
C ILE A 365 9.81 -13.63 -0.17
N GLY A 366 10.07 -12.33 0.07
CA GLY A 366 11.41 -11.81 -0.06
C GLY A 366 11.93 -11.58 -1.46
N ILE A 367 11.05 -11.33 -2.44
CA ILE A 367 11.55 -10.98 -3.77
C ILE A 367 12.48 -9.78 -3.68
N LYS A 368 13.61 -9.86 -4.38
CA LYS A 368 14.55 -8.74 -4.47
C LYS A 368 14.57 -8.14 -5.87
N ALA A 369 15.07 -6.93 -5.95
CA ALA A 369 15.26 -6.26 -7.23
C ALA A 369 16.63 -6.58 -7.80
N PRO A 370 16.73 -7.04 -9.06
CA PRO A 370 18.06 -7.39 -9.62
C PRO A 370 18.99 -6.20 -9.82
N ASN A 371 18.48 -4.97 -9.85
CA ASN A 371 19.31 -3.79 -10.06
C ASN A 371 18.52 -2.59 -9.56
N THR A 372 19.16 -1.42 -9.58
CA THR A 372 18.53 -0.16 -9.19
C THR A 372 18.57 0.87 -10.33
N THR A 373 18.64 0.41 -11.57
CA THR A 373 18.77 1.30 -12.72
C THR A 373 17.58 1.25 -13.67
N ASN A 374 16.63 0.36 -13.44
CA ASN A 374 15.47 0.17 -14.31
C ASN A 374 14.30 -0.12 -13.38
N ASP A 375 13.30 0.78 -13.41
CA ASP A 375 12.05 0.62 -12.68
C ASP A 375 11.47 -0.77 -12.78
N ALA A 376 11.68 -1.43 -13.92
CA ALA A 376 11.15 -2.78 -14.11
C ALA A 376 11.76 -3.77 -13.14
N ALA A 377 12.97 -3.47 -12.62
CA ALA A 377 13.59 -4.33 -11.62
C ALA A 377 12.79 -4.38 -10.32
N TYR A 378 11.92 -3.39 -10.09
CA TYR A 378 11.05 -3.37 -8.92
C TYR A 378 9.77 -4.14 -9.17
N ARG A 379 9.60 -4.70 -10.36
CA ARG A 379 8.34 -5.28 -10.81
C ARG A 379 8.58 -6.67 -11.40
N THR A 380 9.43 -7.46 -10.74
CA THR A 380 9.76 -8.77 -11.31
C THR A 380 8.64 -9.79 -11.05
N GLN A 381 8.83 -11.00 -11.57
CA GLN A 381 7.75 -11.98 -11.63
C GLN A 381 7.45 -12.58 -10.26
N MET A 382 6.17 -12.72 -9.95
CA MET A 382 5.76 -13.40 -8.72
C MET A 382 6.11 -14.88 -8.82
N VAL A 383 6.59 -15.44 -7.71
CA VAL A 383 7.06 -16.84 -7.69
C VAL A 383 6.21 -17.66 -6.74
N PHE A 384 5.23 -18.40 -7.30
CA PHE A 384 4.34 -19.18 -6.48
C PHE A 384 4.93 -20.53 -6.13
N ASP A 385 5.94 -20.97 -6.87
CA ASP A 385 6.50 -22.32 -6.69
C ASP A 385 7.90 -22.33 -7.28
N SER A 386 8.92 -22.33 -6.43
CA SER A 386 10.27 -22.18 -6.97
C SER A 386 10.74 -23.41 -7.74
N GLU A 387 10.00 -24.51 -7.69
CA GLU A 387 10.30 -25.68 -8.50
C GLU A 387 9.66 -25.61 -9.88
N ASN A 388 8.76 -24.64 -10.10
CA ASN A 388 8.04 -24.49 -11.37
C ASN A 388 7.94 -22.99 -11.63
N LEU A 389 9.05 -22.40 -12.05
CA LEU A 389 9.15 -20.95 -12.16
C LEU A 389 8.20 -20.43 -13.22
N PRO A 390 7.70 -19.21 -13.06
CA PRO A 390 6.83 -18.61 -14.07
C PRO A 390 7.62 -18.16 -15.29
N ASP A 391 6.85 -17.81 -16.34
CA ASP A 391 7.37 -17.32 -17.60
C ASP A 391 6.55 -16.04 -17.91
N ILE A 392 6.98 -14.93 -17.32
CA ILE A 392 6.40 -13.61 -17.60
C ILE A 392 7.55 -12.71 -18.02
N TYR A 393 7.34 -11.96 -19.11
CA TYR A 393 8.38 -11.09 -19.61
C TYR A 393 8.31 -9.74 -18.88
N VAL A 394 9.43 -9.33 -18.31
CA VAL A 394 9.55 -8.10 -17.53
C VAL A 394 10.45 -7.14 -18.30
N ASN A 395 9.91 -5.97 -18.60
CA ASN A 395 10.48 -5.04 -19.57
C ASN A 395 11.97 -4.76 -19.36
N GLY A 396 12.78 -5.13 -20.34
CA GLY A 396 14.20 -4.87 -20.28
C GLY A 396 14.98 -5.74 -19.34
N ILE A 397 14.37 -6.76 -18.75
CA ILE A 397 15.04 -7.62 -17.80
C ILE A 397 15.10 -9.07 -18.28
N GLY A 398 13.95 -9.66 -18.60
CA GLY A 398 13.91 -11.03 -19.11
C GLY A 398 12.62 -11.71 -18.71
N ASP A 399 12.58 -13.02 -18.91
CA ASP A 399 11.35 -13.76 -18.66
C ASP A 399 11.51 -14.93 -17.69
N GLU A 400 12.64 -15.07 -17.01
CA GLU A 400 12.68 -16.04 -15.93
C GLU A 400 13.19 -15.38 -14.65
N PRO A 401 12.46 -15.50 -13.55
CA PRO A 401 12.87 -14.81 -12.33
C PRO A 401 13.96 -15.58 -11.61
N ASP A 402 14.63 -14.85 -10.71
CA ASP A 402 15.48 -15.49 -9.73
C ASP A 402 14.61 -16.20 -8.69
N VAL A 403 15.17 -17.26 -8.10
CA VAL A 403 14.49 -17.92 -6.99
C VAL A 403 14.68 -17.08 -5.73
N PRO A 404 13.61 -16.71 -5.03
CA PRO A 404 13.80 -15.99 -3.76
C PRO A 404 14.57 -16.87 -2.77
N THR A 405 15.33 -16.21 -1.91
CA THR A 405 16.21 -16.92 -0.99
C THR A 405 15.47 -17.99 -0.20
N GLY A 406 14.26 -17.71 0.26
CA GLY A 406 13.46 -18.66 0.99
C GLY A 406 12.55 -19.56 0.19
N GLY A 407 12.63 -19.50 -1.15
CA GLY A 407 11.73 -20.27 -1.98
C GLY A 407 10.52 -19.45 -2.39
N GLY A 408 9.68 -20.05 -3.23
CA GLY A 408 8.42 -19.44 -3.64
C GLY A 408 7.36 -19.68 -2.60
N VAL A 409 6.13 -19.26 -2.91
CA VAL A 409 5.03 -19.33 -1.94
C VAL A 409 4.90 -20.74 -1.38
N LYS A 410 4.83 -21.73 -2.28
CA LYS A 410 4.63 -23.10 -1.83
C LYS A 410 5.68 -23.50 -0.81
N GLN A 411 6.94 -23.24 -1.14
CA GLN A 411 8.05 -23.61 -0.26
C GLN A 411 7.97 -22.88 1.08
N GLN A 412 7.63 -21.58 1.04
CA GLN A 412 7.60 -20.81 2.28
C GLN A 412 6.43 -21.21 3.17
N LEU A 413 5.30 -21.63 2.60
CA LEU A 413 4.21 -22.07 3.45
C LEU A 413 4.63 -23.31 4.24
N ALA A 414 5.45 -24.16 3.62
CA ALA A 414 5.84 -25.42 4.25
C ALA A 414 6.93 -25.25 5.30
N ASP A 415 7.64 -24.13 5.30
CA ASP A 415 8.71 -23.84 6.25
C ASP A 415 8.12 -22.98 7.37
N LYS A 416 7.96 -23.58 8.56
CA LYS A 416 7.32 -22.87 9.66
CA LYS A 416 7.31 -22.87 9.65
C LYS A 416 8.05 -21.59 10.03
N ASP A 417 9.34 -21.50 9.73
CA ASP A 417 10.15 -20.34 10.07
C ASP A 417 10.27 -19.34 8.92
N SER A 418 9.42 -19.44 7.91
CA SER A 418 9.55 -18.57 6.75
C SER A 418 9.09 -17.14 7.03
N LEU A 419 9.59 -16.24 6.18
CA LEU A 419 9.08 -14.86 6.15
C LEU A 419 7.57 -14.83 5.92
N LEU A 420 7.10 -15.61 4.93
CA LEU A 420 5.67 -15.66 4.65
C LEU A 420 4.85 -16.01 5.87
N ASN A 421 5.24 -17.06 6.61
CA ASN A 421 4.43 -17.42 7.74
C ASN A 421 4.46 -16.39 8.87
N TYR A 422 5.48 -15.52 8.91
CA TYR A 422 5.49 -14.42 9.86
C TYR A 422 4.45 -13.37 9.46
N TYR A 423 4.37 -13.05 8.17
CA TYR A 423 3.29 -12.19 7.66
C TYR A 423 1.93 -12.77 7.99
N ARG A 424 1.75 -14.10 7.78
CA ARG A 424 0.46 -14.70 8.10
C ARG A 424 0.12 -14.52 9.57
N ARG A 425 1.11 -14.68 10.46
CA ARG A 425 0.85 -14.56 11.89
C ARG A 425 0.52 -13.14 12.30
N ILE A 426 1.20 -12.15 11.69
CA ILE A 426 0.87 -10.76 11.95
C ILE A 426 -0.59 -10.48 11.59
N ILE A 427 -1.02 -10.96 10.42
CA ILE A 427 -2.40 -10.73 9.99
C ILE A 427 -3.39 -11.39 10.94
N THR A 428 -3.11 -12.63 11.37
CA THR A 428 -4.00 -13.27 12.33
C THR A 428 -4.09 -12.48 13.64
N ILE A 429 -2.95 -12.02 14.15
CA ILE A 429 -2.96 -11.20 15.37
C ILE A 429 -3.82 -9.96 15.17
N LYS A 430 -3.74 -9.32 14.01
CA LYS A 430 -4.60 -8.15 13.81
C LYS A 430 -6.07 -8.54 13.75
N ASN A 431 -6.38 -9.69 13.13
CA ASN A 431 -7.77 -10.16 13.08
C ASN A 431 -8.29 -10.54 14.46
N GLN A 432 -7.38 -10.71 15.45
CA GLN A 432 -7.76 -10.97 16.83
C GLN A 432 -7.84 -9.72 17.70
N ASN A 433 -7.41 -8.56 17.19
CA ASN A 433 -7.20 -7.37 18.01
C ASN A 433 -7.55 -6.14 17.17
N PRO A 434 -8.83 -5.81 17.07
CA PRO A 434 -9.27 -4.75 16.13
C PRO A 434 -8.76 -3.37 16.49
N GLU A 435 -8.30 -3.16 17.73
CA GLU A 435 -7.83 -1.86 18.16
C GLU A 435 -6.56 -1.43 17.43
N ILE A 436 -5.74 -2.39 16.99
CA ILE A 436 -4.43 -2.09 16.42
C ILE A 436 -4.59 -1.20 15.20
N ALA A 437 -5.46 -1.61 14.27
CA ALA A 437 -5.64 -0.84 13.04
C ALA A 437 -6.48 0.40 13.26
N ARG A 438 -7.49 0.32 14.13
CA ARG A 438 -8.56 1.30 14.20
C ARG A 438 -8.36 2.38 15.25
N GLY A 439 -7.40 2.20 16.16
CA GLY A 439 -7.23 3.13 17.26
C GLY A 439 -6.28 4.28 16.95
N ARG A 440 -6.00 5.05 18.00
CA ARG A 440 -4.98 6.08 18.00
C ARG A 440 -3.95 5.79 19.09
N ILE A 441 -2.71 6.21 18.87
CA ILE A 441 -1.65 6.04 19.84
C ILE A 441 -1.76 7.19 20.84
N VAL A 442 -2.07 6.83 22.09
CA VAL A 442 -2.33 7.81 23.15
C VAL A 442 -1.10 8.07 24.00
N GLY A 443 -0.02 7.36 23.77
CA GLY A 443 1.23 7.56 24.46
C GLY A 443 2.23 6.48 24.13
N THR A 444 3.50 6.77 24.37
CA THR A 444 4.57 5.79 24.35
C THR A 444 4.84 5.29 25.77
N GLN A 445 5.57 4.19 25.85
CA GLN A 445 5.99 3.64 27.13
C GLN A 445 7.50 3.48 27.09
N GLY A 446 8.18 4.18 27.98
CA GLY A 446 9.61 4.00 28.11
C GLY A 446 9.93 2.82 28.99
N PHE A 447 10.98 2.10 28.61
CA PHE A 447 11.54 1.03 29.41
C PHE A 447 13.01 1.30 29.68
N ASP A 448 13.36 2.58 29.84
CA ASP A 448 14.71 3.05 30.18
C ASP A 448 15.76 2.53 29.21
N ASP A 449 15.40 2.46 27.92
CA ASP A 449 16.26 1.76 26.96
C ASP A 449 15.89 2.26 25.57
N LYS A 450 16.82 2.94 24.89
CA LYS A 450 16.56 3.43 23.53
C LYS A 450 16.28 2.30 22.55
N THR A 451 16.64 1.07 22.89
CA THR A 451 16.47 -0.06 21.98
C THR A 451 15.05 -0.58 21.95
N VAL A 452 14.27 -0.33 22.98
CA VAL A 452 12.92 -0.83 23.10
C VAL A 452 11.97 0.27 22.65
N GLY A 453 11.10 -0.05 21.70
CA GLY A 453 10.06 0.87 21.29
C GLY A 453 8.67 0.38 21.64
N ALA A 454 7.92 1.15 22.40
CA ALA A 454 6.63 0.70 22.87
C ALA A 454 5.62 1.83 22.89
N TYR A 455 4.36 1.50 22.57
CA TYR A 455 3.29 2.49 22.59
C TYR A 455 1.95 1.85 22.91
N TYR A 456 1.04 2.70 23.38
CA TYR A 456 -0.35 2.37 23.67
C TYR A 456 -1.24 2.77 22.50
N VAL A 457 -1.98 1.82 21.93
CA VAL A 457 -3.01 2.13 20.94
C VAL A 457 -4.36 1.83 21.55
N GLU A 458 -5.29 2.78 21.43
CA GLU A 458 -6.57 2.72 22.11
C GLU A 458 -7.70 2.97 21.14
N TYR A 459 -8.74 2.13 21.22
CA TYR A 459 -9.91 2.17 20.34
C TYR A 459 -11.13 1.82 21.17
N GLU A 460 -12.12 2.72 21.19
CA GLU A 460 -13.35 2.50 21.93
C GLU A 460 -13.06 2.04 23.37
N ASP A 461 -12.18 2.78 24.04
CA ASP A 461 -11.85 2.55 25.45
C ASP A 461 -11.21 1.19 25.71
N SER A 462 -10.61 0.58 24.69
CA SER A 462 -9.83 -0.64 24.84
C SER A 462 -8.39 -0.33 24.43
N LYS A 463 -7.47 -0.50 25.37
CA LYS A 463 -6.08 -0.09 25.19
C LYS A 463 -5.14 -1.28 25.19
N LEU A 464 -4.27 -1.33 24.17
CA LEU A 464 -3.23 -2.33 24.03
C LEU A 464 -1.85 -1.69 24.11
N LEU A 465 -0.89 -2.42 24.68
CA LEU A 465 0.50 -1.99 24.72
C LEU A 465 1.31 -2.87 23.78
N ILE A 466 1.86 -2.25 22.74
CA ILE A 466 2.69 -2.92 21.75
C ILE A 466 4.16 -2.61 22.04
N ILE A 467 4.98 -3.66 22.15
CA ILE A 467 6.38 -3.55 22.56
C ILE A 467 7.27 -4.25 21.54
N HIS A 468 8.21 -3.50 20.95
CA HIS A 468 9.22 -4.05 20.08
C HIS A 468 10.61 -3.97 20.74
N ASN A 469 11.34 -5.09 20.73
CA ASN A 469 12.76 -5.09 21.10
C ASN A 469 13.60 -5.04 19.83
N PHE A 470 14.16 -3.86 19.51
CA PHE A 470 14.96 -3.72 18.29
C PHE A 470 16.37 -4.30 18.41
N SER A 471 16.74 -4.92 19.55
CA SER A 471 18.07 -5.49 19.68
C SER A 471 18.24 -6.70 18.76
N LYS A 472 19.34 -6.73 18.01
CA LYS A 472 19.60 -7.88 17.15
CA LYS A 472 19.63 -7.87 17.14
C LYS A 472 20.01 -9.11 17.94
N ASN A 473 20.65 -8.93 19.09
CA ASN A 473 21.23 -10.07 19.80
C ASN A 473 20.84 -10.25 21.25
N ASP A 474 20.29 -9.25 21.91
CA ASP A 474 20.02 -9.30 23.34
C ASP A 474 18.52 -9.30 23.63
N ALA A 475 18.09 -10.26 24.44
CA ALA A 475 16.77 -10.22 25.03
C ALA A 475 16.68 -9.11 26.08
N LYS A 476 15.47 -8.64 26.34
CA LYS A 476 15.20 -7.59 27.31
C LYS A 476 14.18 -8.08 28.33
N GLU A 477 14.50 -7.94 29.62
CA GLU A 477 13.57 -8.34 30.68
C GLU A 477 12.81 -7.12 31.16
N LEU A 478 11.51 -7.07 30.90
CA LEU A 478 10.68 -5.91 31.15
C LEU A 478 9.70 -6.17 32.29
N THR A 479 9.41 -5.13 33.05
CA THR A 479 8.40 -5.15 34.10
C THR A 479 7.18 -4.35 33.66
N ILE A 480 6.02 -5.01 33.68
CA ILE A 480 4.73 -4.40 33.36
C ILE A 480 3.97 -4.17 34.66
N THR A 481 3.50 -2.95 34.88
CA THR A 481 2.76 -2.58 36.07
C THR A 481 1.29 -2.35 35.76
N ASP A 482 0.49 -2.28 36.85
CA ASP A 482 -0.92 -2.00 36.70
C ASP A 482 -1.16 -0.60 36.15
N ASP A 483 -0.23 0.34 36.42
CA ASP A 483 -0.37 1.69 35.87
C ASP A 483 -0.18 1.70 34.36
N MET A 484 0.59 0.74 33.82
CA MET A 484 0.74 0.59 32.37
C MET A 484 -0.52 -0.06 31.78
N ILE A 485 -0.76 -1.31 32.15
CA ILE A 485 -1.93 -2.06 31.69
C ILE A 485 -2.48 -2.80 32.90
N LYS A 486 -3.72 -2.48 33.29
CA LYS A 486 -4.29 -3.10 34.49
C LYS A 486 -4.54 -4.57 34.25
N ASN A 487 -4.14 -5.41 35.23
CA ASN A 487 -4.33 -6.85 35.12
C ASN A 487 -3.75 -7.39 33.81
N ALA A 488 -2.49 -7.04 33.56
CA ALA A 488 -1.87 -7.28 32.27
C ALA A 488 -1.72 -8.76 31.98
N THR A 489 -1.98 -9.13 30.71
CA THR A 489 -1.76 -10.47 30.20
C THR A 489 -1.04 -10.37 28.86
N LEU A 490 -0.38 -11.46 28.48
CA LEU A 490 0.28 -11.53 27.17
C LEU A 490 -0.77 -11.93 26.15
N ARG A 491 -1.05 -11.02 25.21
CA ARG A 491 -2.06 -11.24 24.18
C ARG A 491 -1.47 -11.85 22.91
N ALA A 492 -0.22 -11.54 22.57
CA ALA A 492 0.38 -12.06 21.35
C ALA A 492 1.90 -11.91 21.44
N ASP A 493 2.61 -12.77 20.71
CA ASP A 493 4.03 -12.59 20.54
C ASP A 493 4.43 -12.88 19.10
N LEU A 494 5.53 -12.25 18.72
CA LEU A 494 6.13 -12.36 17.39
C LEU A 494 7.64 -12.44 17.67
N ILE A 495 8.18 -13.65 17.57
CA ILE A 495 9.56 -13.94 17.96
C ILE A 495 10.25 -14.57 16.75
N PRO A 496 11.13 -13.85 16.07
CA PRO A 496 11.55 -14.30 14.73
C PRO A 496 12.58 -15.42 14.73
N GLU A 497 13.29 -15.67 15.82
CA GLU A 497 14.36 -16.65 15.76
C GLU A 497 13.85 -18.06 15.53
N SER A 498 12.63 -18.36 15.98
CA SER A 498 12.04 -19.68 15.76
C SER A 498 10.55 -19.63 16.03
N SER A 499 9.78 -20.28 15.16
CA SER A 499 8.34 -20.32 15.32
C SER A 499 7.88 -21.16 16.51
N SER A 500 8.78 -21.93 17.13
CA SER A 500 8.42 -22.68 18.32
C SER A 500 8.79 -21.96 19.61
N LYS A 501 9.38 -20.77 19.54
CA LYS A 501 9.78 -20.02 20.73
C LYS A 501 8.70 -19.00 21.08
N HIS A 502 8.17 -19.09 22.29
CA HIS A 502 7.18 -18.15 22.78
C HIS A 502 7.61 -17.63 24.14
N THR A 503 7.00 -16.53 24.58
CA THR A 503 7.32 -15.96 25.88
C THR A 503 6.05 -15.90 26.73
N GLU A 504 6.18 -15.30 27.92
CA GLU A 504 5.08 -15.29 28.87
C GLU A 504 5.26 -14.10 29.81
N LEU A 505 4.14 -13.61 30.32
CA LEU A 505 4.12 -12.56 31.34
C LEU A 505 3.84 -13.29 32.65
N LYS A 506 4.83 -13.29 33.54
CA LYS A 506 4.75 -14.07 34.78
C LYS A 506 5.27 -13.22 35.93
N ASP A 507 4.42 -13.02 36.93
CA ASP A 507 4.76 -12.16 38.09
C ASP A 507 5.13 -10.75 37.63
N GLY A 508 4.43 -10.26 36.60
CA GLY A 508 4.64 -8.92 36.10
C GLY A 508 5.89 -8.71 35.26
N LYS A 509 6.63 -9.77 34.96
CA LYS A 509 7.87 -9.70 34.21
C LYS A 509 7.72 -10.46 32.90
N ILE A 510 8.27 -9.92 31.81
CA ILE A 510 8.24 -10.61 30.52
C ILE A 510 9.59 -10.45 29.83
N SER A 511 10.10 -11.57 29.31
CA SER A 511 11.32 -11.56 28.50
C SER A 511 10.95 -11.35 27.03
N VAL A 512 11.48 -10.30 26.43
CA VAL A 512 11.23 -10.01 25.02
C VAL A 512 12.49 -10.35 24.23
N PRO A 513 12.50 -11.43 23.46
CA PRO A 513 13.71 -11.83 22.76
C PRO A 513 14.12 -10.85 21.69
N PRO A 514 15.30 -11.08 21.09
CA PRO A 514 15.81 -10.16 20.07
C PRO A 514 14.82 -9.98 18.91
N GLN A 515 14.69 -8.74 18.50
CA GLN A 515 13.88 -8.35 17.32
C GLN A 515 12.46 -8.87 17.39
N SER A 516 11.96 -9.02 18.61
CA SER A 516 10.64 -9.56 18.89
C SER A 516 9.64 -8.47 19.28
N THR A 517 8.37 -8.82 19.11
CA THR A 517 7.24 -7.97 19.43
C THR A 517 6.29 -8.71 20.36
N VAL A 518 5.82 -8.04 21.40
CA VAL A 518 4.75 -8.56 22.24
C VAL A 518 3.64 -7.54 22.37
N ILE A 519 2.44 -8.04 22.61
CA ILE A 519 1.25 -7.22 22.80
C ILE A 519 0.65 -7.58 24.15
N ILE A 520 0.46 -6.58 24.98
CA ILE A 520 -0.07 -6.70 26.33
C ILE A 520 -1.49 -6.14 26.35
N LYS A 521 -2.40 -6.86 27.02
CA LYS A 521 -3.80 -6.51 27.10
C LYS A 521 -4.33 -6.82 28.50
N SER A 522 -5.32 -6.06 28.96
CA SER A 522 -5.93 -6.35 30.26
C SER A 522 -6.71 -7.66 30.23
N ALA A 523 -6.66 -8.41 31.33
CA ALA A 523 -7.47 -9.61 31.43
C ALA A 523 -8.95 -9.25 31.31
N GLU A 524 -9.72 -10.14 30.70
CA GLU A 524 -11.16 -9.90 30.53
C GLU A 524 -11.97 -10.80 31.44
#